data_2FWP
#
_entry.id   2FWP
#
_cell.length_a   98.683
_cell.length_b   98.683
_cell.length_c   165.590
_cell.angle_alpha   90.00
_cell.angle_beta   90.00
_cell.angle_gamma   90.00
#
_symmetry.space_group_name_H-M   'I 4 2 2'
#
loop_
_entity.id
_entity.type
_entity.pdbx_description
1 polymer 'N5-carboxyaminoimidazole ribonucleotide mutase'
2 non-polymer '(4R)-5-IMINO-1-(5-O-PHOSPHONO-BETA-D-RIBOFURANOSYL)-4,5-DIHYDRO-1H-IMIDAZOLE-4-CARBOXYLIC ACID'
3 non-polymer 'CITRIC ACID'
4 water water
#
_entity_poly.entity_id   1
_entity_poly.type   'polypeptide(L)'
_entity_poly.pdbx_seq_one_letter_code
;MMSETAPLPSASSALEDKAASAPVVGIIMGSQSDWETMRHADALLTELEIPHETLIVSANRTPDRLADYARTAAERGLNV
IIAGAGGAAHLPGMCAAWTRLPVLGVPVESRALKGMDSLLSIVQMPGGVPVGTLAIGASGAKNAALLAASILALYNPALA
ARLETWRALQTASVPNSPITEDK
;
_entity_poly.pdbx_strand_id   A,B
#
loop_
_chem_comp.id
_chem_comp.type
_chem_comp.name
_chem_comp.formula
CIT non-polymer 'CITRIC ACID' 'C6 H8 O7'
ICR non-polymer '(4R)-5-IMINO-1-(5-O-PHOSPHONO-BETA-D-RIBOFURANOSYL)-4,5-DIHYDRO-1H-IMIDAZOLE-4-CARBOXYLIC ACID' 'C9 H14 N3 O9 P'
#
# COMPACT_ATOMS: atom_id res chain seq x y z
N SER A 21 -21.13 -4.68 11.75
CA SER A 21 -21.86 -5.38 10.65
C SER A 21 -21.77 -4.58 9.35
N ALA A 22 -21.57 -3.27 9.50
CA ALA A 22 -21.44 -2.37 8.36
C ALA A 22 -20.03 -2.55 7.80
N PRO A 23 -19.88 -2.61 6.47
CA PRO A 23 -18.57 -2.79 5.84
C PRO A 23 -17.56 -1.70 6.16
N VAL A 24 -16.34 -2.11 6.47
CA VAL A 24 -15.27 -1.16 6.77
C VAL A 24 -14.22 -1.24 5.67
N VAL A 25 -14.40 -2.18 4.75
CA VAL A 25 -13.49 -2.33 3.62
C VAL A 25 -14.32 -2.57 2.38
N GLY A 26 -13.94 -1.92 1.29
CA GLY A 26 -14.67 -2.12 0.05
C GLY A 26 -13.76 -2.76 -0.98
N ILE A 27 -14.21 -3.89 -1.53
CA ILE A 27 -13.46 -4.57 -2.59
C ILE A 27 -14.19 -4.27 -3.89
N ILE A 28 -13.52 -3.56 -4.80
CA ILE A 28 -14.14 -3.25 -6.08
C ILE A 28 -13.25 -3.81 -7.18
N MET A 29 -13.86 -4.26 -8.27
CA MET A 29 -13.09 -4.83 -9.37
C MET A 29 -13.65 -4.36 -10.71
N GLY A 30 -12.78 -4.35 -11.73
CA GLY A 30 -13.16 -3.90 -13.05
C GLY A 30 -14.27 -4.66 -13.75
N SER A 31 -14.35 -5.97 -13.52
CA SER A 31 -15.39 -6.76 -14.15
C SER A 31 -15.50 -8.14 -13.54
N GLN A 32 -16.52 -8.87 -13.96
CA GLN A 32 -16.75 -10.22 -13.49
C GLN A 32 -15.50 -11.06 -13.72
N SER A 33 -14.79 -10.79 -14.83
CA SER A 33 -13.57 -11.51 -15.18
C SER A 33 -12.53 -11.46 -14.07
N ASP A 34 -12.55 -10.38 -13.29
CA ASP A 34 -11.59 -10.22 -12.20
C ASP A 34 -11.95 -11.00 -10.94
N TRP A 35 -13.18 -11.50 -10.84
CA TRP A 35 -13.62 -12.22 -9.64
C TRP A 35 -12.73 -13.42 -9.27
N GLU A 36 -12.32 -14.18 -10.27
CA GLU A 36 -11.48 -15.35 -10.02
C GLU A 36 -10.25 -14.95 -9.21
N THR A 37 -9.80 -13.71 -9.40
CA THR A 37 -8.63 -13.20 -8.68
C THR A 37 -9.05 -12.51 -7.39
N MET A 38 -9.98 -11.59 -7.48
CA MET A 38 -10.41 -10.83 -6.32
C MET A 38 -11.15 -11.60 -5.22
N ARG A 39 -11.59 -12.82 -5.51
CA ARG A 39 -12.30 -13.60 -4.51
C ARG A 39 -11.38 -13.96 -3.34
N HIS A 40 -10.07 -14.00 -3.63
CA HIS A 40 -9.08 -14.31 -2.61
C HIS A 40 -9.02 -13.19 -1.57
N ALA A 41 -9.31 -11.96 -2.00
CA ALA A 41 -9.32 -10.84 -1.08
C ALA A 41 -10.57 -10.99 -0.22
N ASP A 42 -11.69 -11.30 -0.88
CA ASP A 42 -12.97 -11.50 -0.22
C ASP A 42 -12.86 -12.61 0.83
N ALA A 43 -12.35 -13.76 0.43
CA ALA A 43 -12.21 -14.89 1.34
C ALA A 43 -11.37 -14.55 2.57
N LEU A 44 -10.26 -13.84 2.35
CA LEU A 44 -9.38 -13.46 3.44
C LEU A 44 -10.06 -12.57 4.47
N LEU A 45 -10.77 -11.55 4.00
CA LEU A 45 -11.47 -10.64 4.91
C LEU A 45 -12.55 -11.37 5.72
N THR A 46 -13.24 -12.32 5.08
CA THR A 46 -14.27 -13.07 5.77
C THR A 46 -13.61 -13.92 6.86
N GLU A 47 -12.50 -14.56 6.52
CA GLU A 47 -11.77 -15.38 7.47
C GLU A 47 -11.38 -14.59 8.71
N LEU A 48 -10.94 -13.35 8.52
CA LEU A 48 -10.55 -12.49 9.63
C LEU A 48 -11.74 -11.73 10.22
N GLU A 49 -12.94 -12.08 9.77
CA GLU A 49 -14.15 -11.45 10.26
C GLU A 49 -14.17 -9.93 10.13
N ILE A 50 -13.73 -9.46 8.96
CA ILE A 50 -13.71 -8.03 8.68
C ILE A 50 -14.91 -7.72 7.79
N PRO A 51 -15.88 -6.95 8.30
CA PRO A 51 -17.08 -6.59 7.53
C PRO A 51 -16.67 -5.87 6.24
N HIS A 52 -17.22 -6.28 5.11
CA HIS A 52 -16.87 -5.64 3.86
C HIS A 52 -17.91 -5.84 2.76
N GLU A 53 -17.76 -5.08 1.68
CA GLU A 53 -18.64 -5.19 0.53
C GLU A 53 -17.78 -5.53 -0.68
N THR A 54 -18.35 -6.28 -1.62
CA THR A 54 -17.65 -6.69 -2.82
C THR A 54 -18.47 -6.28 -4.04
N LEU A 55 -17.92 -5.39 -4.86
CA LEU A 55 -18.65 -4.89 -6.01
C LEU A 55 -17.87 -4.81 -7.32
N ILE A 56 -18.61 -4.66 -8.41
CA ILE A 56 -18.02 -4.51 -9.74
C ILE A 56 -18.12 -3.02 -10.05
N VAL A 57 -16.99 -2.39 -10.35
CA VAL A 57 -16.97 -0.97 -10.70
C VAL A 57 -15.89 -0.79 -11.75
N SER A 58 -16.26 -0.20 -12.88
CA SER A 58 -15.31 0.02 -13.96
C SER A 58 -15.03 1.50 -14.15
N ALA A 59 -13.75 1.88 -14.06
CA ALA A 59 -13.38 3.29 -14.22
C ALA A 59 -13.76 3.77 -15.62
N ASN A 60 -13.51 2.93 -16.62
CA ASN A 60 -13.80 3.29 -18.00
C ASN A 60 -15.22 3.05 -18.48
N ARG A 61 -15.87 1.98 -18.01
CA ARG A 61 -17.24 1.69 -18.43
C ARG A 61 -18.30 2.32 -17.52
N THR A 62 -17.99 2.52 -16.26
CA THR A 62 -18.94 3.11 -15.32
C THR A 62 -18.23 4.20 -14.52
N PRO A 63 -17.72 5.24 -15.21
CA PRO A 63 -17.00 6.34 -14.56
C PRO A 63 -17.78 7.06 -13.46
N ASP A 64 -19.06 7.33 -13.69
CA ASP A 64 -19.85 8.01 -12.68
C ASP A 64 -20.11 7.13 -11.47
N ARG A 65 -20.23 5.83 -11.70
CA ARG A 65 -20.44 4.90 -10.60
C ARG A 65 -19.20 4.93 -9.71
N LEU A 66 -18.02 4.99 -10.34
CA LEU A 66 -16.77 5.04 -9.57
C LEU A 66 -16.64 6.34 -8.80
N ALA A 67 -16.91 7.46 -9.46
CA ALA A 67 -16.83 8.76 -8.82
C ALA A 67 -17.70 8.78 -7.56
N ASP A 68 -18.95 8.38 -7.71
CA ASP A 68 -19.88 8.36 -6.59
C ASP A 68 -19.41 7.41 -5.50
N TYR A 69 -18.99 6.22 -5.90
CA TYR A 69 -18.52 5.23 -4.94
C TYR A 69 -17.33 5.74 -4.12
N ALA A 70 -16.31 6.24 -4.82
CA ALA A 70 -15.11 6.73 -4.15
C ALA A 70 -15.37 7.97 -3.31
N ARG A 71 -16.12 8.91 -3.88
CA ARG A 71 -16.44 10.15 -3.16
C ARG A 71 -17.13 9.89 -1.83
N THR A 72 -18.09 8.98 -1.83
CA THR A 72 -18.87 8.67 -0.63
C THR A 72 -18.31 7.59 0.29
N ALA A 73 -17.23 6.95 -0.11
CA ALA A 73 -16.63 5.88 0.68
C ALA A 73 -16.49 6.21 2.17
N ALA A 74 -15.76 7.28 2.47
CA ALA A 74 -15.53 7.70 3.85
C ALA A 74 -16.84 7.92 4.61
N GLU A 75 -17.77 8.65 4.00
CA GLU A 75 -19.06 8.93 4.61
C GLU A 75 -19.83 7.67 4.96
N ARG A 76 -19.70 6.64 4.12
CA ARG A 76 -20.40 5.39 4.34
C ARG A 76 -19.74 4.55 5.42
N GLY A 77 -18.60 5.01 5.91
CA GLY A 77 -17.91 4.28 6.96
C GLY A 77 -16.75 3.41 6.52
N LEU A 78 -16.48 3.36 5.21
CA LEU A 78 -15.38 2.54 4.72
C LEU A 78 -14.05 3.13 5.18
N ASN A 79 -13.10 2.27 5.51
CA ASN A 79 -11.79 2.72 5.96
C ASN A 79 -10.71 2.44 4.94
N VAL A 80 -10.89 1.37 4.17
CA VAL A 80 -9.91 0.98 3.15
C VAL A 80 -10.64 0.43 1.93
N ILE A 81 -10.06 0.68 0.77
CA ILE A 81 -10.64 0.19 -0.47
C ILE A 81 -9.61 -0.66 -1.19
N ILE A 82 -10.02 -1.85 -1.61
CA ILE A 82 -9.16 -2.75 -2.36
C ILE A 82 -9.73 -2.70 -3.78
N ALA A 83 -8.91 -2.33 -4.75
CA ALA A 83 -9.38 -2.25 -6.12
C ALA A 83 -8.52 -3.11 -7.05
N GLY A 84 -9.19 -3.95 -7.85
CA GLY A 84 -8.47 -4.81 -8.77
C GLY A 84 -8.94 -4.66 -10.20
N ALA A 85 -8.02 -4.69 -11.15
CA ALA A 85 -8.37 -4.55 -12.56
C ALA A 85 -7.25 -5.06 -13.45
N GLY A 86 -7.60 -5.47 -14.67
CA GLY A 86 -6.62 -5.95 -15.62
C GLY A 86 -6.45 -4.97 -16.77
N GLY A 87 -5.53 -5.27 -17.68
CA GLY A 87 -5.29 -4.37 -18.81
C GLY A 87 -4.75 -3.03 -18.34
N ALA A 88 -5.24 -1.95 -18.94
CA ALA A 88 -4.80 -0.60 -18.57
C ALA A 88 -5.12 -0.32 -17.09
N ALA A 89 -6.04 -1.09 -16.52
CA ALA A 89 -6.40 -0.96 -15.11
C ALA A 89 -6.39 0.45 -14.54
N HIS A 90 -7.37 1.27 -14.93
CA HIS A 90 -7.49 2.63 -14.43
C HIS A 90 -8.24 2.68 -13.11
N LEU A 91 -8.98 1.63 -12.79
CA LEU A 91 -9.77 1.59 -11.58
C LEU A 91 -9.11 1.99 -10.25
N PRO A 92 -7.97 1.35 -9.90
CA PRO A 92 -7.33 1.70 -8.63
C PRO A 92 -6.93 3.18 -8.49
N GLY A 93 -6.22 3.69 -9.48
CA GLY A 93 -5.79 5.09 -9.44
C GLY A 93 -6.92 6.10 -9.46
N MET A 94 -7.95 5.85 -10.26
CA MET A 94 -9.08 6.77 -10.33
C MET A 94 -9.88 6.74 -9.03
N CYS A 95 -9.92 5.58 -8.37
CA CYS A 95 -10.63 5.49 -7.12
C CYS A 95 -9.87 6.36 -6.11
N ALA A 96 -8.54 6.22 -6.10
CA ALA A 96 -7.71 7.00 -5.19
C ALA A 96 -7.82 8.49 -5.49
N ALA A 97 -8.11 8.84 -6.74
CA ALA A 97 -8.23 10.23 -7.13
C ALA A 97 -9.44 10.90 -6.49
N TRP A 98 -10.46 10.11 -6.17
CA TRP A 98 -11.68 10.66 -5.58
C TRP A 98 -11.88 10.43 -4.08
N THR A 99 -11.09 9.57 -3.45
CA THR A 99 -11.26 9.34 -2.03
C THR A 99 -10.00 9.70 -1.25
N ARG A 100 -10.16 10.02 0.02
CA ARG A 100 -9.03 10.35 0.88
C ARG A 100 -8.59 9.09 1.63
N LEU A 101 -9.41 8.04 1.52
CA LEU A 101 -9.11 6.77 2.17
C LEU A 101 -7.96 6.07 1.48
N PRO A 102 -7.26 5.16 2.19
CA PRO A 102 -6.15 4.43 1.61
C PRO A 102 -6.71 3.50 0.54
N VAL A 103 -6.10 3.49 -0.64
CA VAL A 103 -6.55 2.60 -1.70
C VAL A 103 -5.44 1.61 -2.03
N LEU A 104 -5.78 0.33 -2.01
CA LEU A 104 -4.81 -0.73 -2.30
C LEU A 104 -5.15 -1.30 -3.66
N GLY A 105 -4.13 -1.51 -4.50
CA GLY A 105 -4.38 -1.99 -5.84
C GLY A 105 -3.86 -3.37 -6.16
N VAL A 106 -4.67 -4.15 -6.87
CA VAL A 106 -4.29 -5.50 -7.27
C VAL A 106 -4.27 -5.60 -8.79
N PRO A 107 -3.10 -5.83 -9.37
CA PRO A 107 -3.02 -5.95 -10.83
C PRO A 107 -3.58 -7.31 -11.19
N VAL A 108 -4.60 -7.36 -12.03
CA VAL A 108 -5.18 -8.63 -12.44
C VAL A 108 -4.41 -9.10 -13.66
N GLU A 109 -3.95 -10.34 -13.61
CA GLU A 109 -3.19 -10.93 -14.70
C GLU A 109 -4.05 -11.12 -15.93
N SER A 110 -3.50 -10.76 -17.08
CA SER A 110 -4.26 -10.94 -18.30
C SER A 110 -3.49 -11.64 -19.40
N ARG A 111 -4.28 -12.26 -20.26
CA ARG A 111 -3.80 -13.04 -21.40
C ARG A 111 -2.50 -12.57 -22.04
N ALA A 112 -2.56 -11.45 -22.74
CA ALA A 112 -1.41 -10.92 -23.45
C ALA A 112 -0.18 -10.57 -22.61
N LEU A 113 -0.27 -9.48 -21.85
CA LEU A 113 0.88 -9.02 -21.08
C LEU A 113 1.06 -9.52 -19.64
N LYS A 114 0.32 -10.57 -19.29
CA LYS A 114 0.43 -11.19 -17.96
C LYS A 114 0.33 -10.25 -16.75
N GLY A 115 -0.37 -9.14 -16.90
CA GLY A 115 -0.54 -8.21 -15.80
C GLY A 115 0.56 -7.17 -15.67
N MET A 116 1.51 -7.15 -16.61
CA MET A 116 2.58 -6.16 -16.54
C MET A 116 1.98 -4.80 -16.87
N ASP A 117 1.01 -4.78 -17.78
CA ASP A 117 0.35 -3.53 -18.12
C ASP A 117 -0.43 -3.03 -16.90
N SER A 118 -1.15 -3.94 -16.25
CA SER A 118 -1.94 -3.59 -15.08
C SER A 118 -1.05 -3.07 -13.95
N LEU A 119 0.06 -3.76 -13.71
CA LEU A 119 1.01 -3.38 -12.66
C LEU A 119 1.50 -1.94 -12.82
N LEU A 120 2.02 -1.62 -14.00
CA LEU A 120 2.53 -0.28 -14.25
C LEU A 120 1.47 0.82 -14.16
N SER A 121 0.28 0.52 -14.67
CA SER A 121 -0.82 1.50 -14.65
C SER A 121 -1.33 1.78 -13.24
N ILE A 122 -1.03 0.87 -12.32
CA ILE A 122 -1.46 1.01 -10.94
C ILE A 122 -0.34 1.57 -10.05
N VAL A 123 0.85 0.97 -10.12
CA VAL A 123 1.95 1.38 -9.26
C VAL A 123 2.62 2.72 -9.59
N GLN A 124 2.64 3.08 -10.87
CA GLN A 124 3.30 4.31 -11.28
C GLN A 124 2.48 5.60 -11.10
N MET A 125 1.60 5.61 -10.11
CA MET A 125 0.78 6.79 -9.84
C MET A 125 1.66 7.98 -9.49
N PRO A 126 1.26 9.18 -9.90
CA PRO A 126 2.02 10.41 -9.63
C PRO A 126 2.00 10.80 -8.16
N GLY A 127 3.00 11.59 -7.75
CA GLY A 127 3.07 12.03 -6.38
C GLY A 127 1.81 12.78 -6.05
N GLY A 128 1.16 12.41 -4.95
CA GLY A 128 -0.07 13.08 -4.56
C GLY A 128 -1.28 12.19 -4.56
N VAL A 129 -1.23 11.12 -5.36
CA VAL A 129 -2.35 10.18 -5.47
C VAL A 129 -1.82 8.75 -5.36
N PRO A 130 -1.62 8.29 -4.13
CA PRO A 130 -1.12 6.94 -3.91
C PRO A 130 -2.07 5.76 -4.04
N VAL A 131 -1.49 4.64 -4.42
CA VAL A 131 -2.19 3.37 -4.49
C VAL A 131 -1.17 2.36 -4.00
N GLY A 132 -1.41 1.77 -2.83
CA GLY A 132 -0.49 0.78 -2.32
C GLY A 132 -0.71 -0.45 -3.19
N THR A 133 0.27 -0.77 -4.03
CA THR A 133 0.14 -1.89 -4.96
C THR A 133 0.66 -3.21 -4.46
N LEU A 134 -0.09 -4.28 -4.75
CA LEU A 134 0.29 -5.63 -4.35
C LEU A 134 0.70 -6.43 -5.59
N ALA A 135 1.14 -7.66 -5.37
CA ALA A 135 1.57 -8.52 -6.47
C ALA A 135 0.48 -8.79 -7.50
N ILE A 136 0.90 -9.17 -8.69
CA ILE A 136 -0.01 -9.51 -9.77
C ILE A 136 -0.73 -10.83 -9.42
N GLY A 137 -2.05 -10.84 -9.60
CA GLY A 137 -2.81 -12.06 -9.35
C GLY A 137 -3.40 -12.34 -7.98
N ALA A 138 -3.77 -13.60 -7.80
CA ALA A 138 -4.39 -14.12 -6.59
C ALA A 138 -3.63 -13.76 -5.31
N SER A 139 -2.32 -13.88 -5.34
CA SER A 139 -1.52 -13.56 -4.17
C SER A 139 -1.61 -12.08 -3.83
N GLY A 140 -1.69 -11.24 -4.86
CA GLY A 140 -1.80 -9.81 -4.64
C GLY A 140 -3.15 -9.49 -4.01
N ALA A 141 -4.18 -10.18 -4.47
CA ALA A 141 -5.54 -9.99 -3.96
C ALA A 141 -5.58 -10.39 -2.50
N LYS A 142 -4.99 -11.54 -2.19
CA LYS A 142 -4.94 -12.04 -0.83
C LYS A 142 -4.18 -11.03 0.03
N ASN A 143 -3.06 -10.53 -0.47
CA ASN A 143 -2.26 -9.59 0.30
C ASN A 143 -2.90 -8.22 0.48
N ALA A 144 -3.77 -7.83 -0.46
CA ALA A 144 -4.45 -6.56 -0.34
C ALA A 144 -5.38 -6.67 0.87
N ALA A 145 -6.03 -7.81 1.02
CA ALA A 145 -6.91 -8.04 2.16
C ALA A 145 -6.11 -8.05 3.47
N LEU A 146 -4.95 -8.70 3.46
CA LEU A 146 -4.09 -8.77 4.64
C LEU A 146 -3.52 -7.40 4.99
N LEU A 147 -3.22 -6.60 3.97
CA LEU A 147 -2.68 -5.28 4.21
C LEU A 147 -3.79 -4.40 4.80
N ALA A 148 -5.01 -4.56 4.29
CA ALA A 148 -6.15 -3.80 4.78
C ALA A 148 -6.40 -4.20 6.24
N ALA A 149 -6.25 -5.48 6.54
CA ALA A 149 -6.44 -5.95 7.91
C ALA A 149 -5.39 -5.34 8.84
N SER A 150 -4.14 -5.28 8.38
CA SER A 150 -3.07 -4.73 9.22
C SER A 150 -3.31 -3.26 9.48
N ILE A 151 -4.00 -2.58 8.57
CA ILE A 151 -4.30 -1.17 8.74
C ILE A 151 -5.39 -1.03 9.79
N LEU A 152 -6.44 -1.83 9.66
CA LEU A 152 -7.56 -1.81 10.61
C LEU A 152 -7.11 -2.26 12.00
N ALA A 153 -6.15 -3.17 12.04
CA ALA A 153 -5.64 -3.69 13.32
C ALA A 153 -5.04 -2.60 14.20
N LEU A 154 -4.55 -1.52 13.58
CA LEU A 154 -3.96 -0.43 14.33
C LEU A 154 -4.90 0.18 15.37
N TYR A 155 -6.21 0.06 15.15
CA TYR A 155 -7.15 0.62 16.10
C TYR A 155 -8.29 -0.34 16.47
N ASN A 156 -8.01 -1.63 16.36
CA ASN A 156 -8.98 -2.67 16.70
C ASN A 156 -8.18 -3.84 17.29
N PRO A 157 -8.02 -3.86 18.63
CA PRO A 157 -7.28 -4.90 19.34
C PRO A 157 -7.72 -6.33 19.05
N ALA A 158 -9.03 -6.57 18.97
CA ALA A 158 -9.54 -7.91 18.70
C ALA A 158 -9.05 -8.37 17.34
N LEU A 159 -9.18 -7.53 16.32
CA LEU A 159 -8.74 -7.87 14.99
C LEU A 159 -7.21 -8.03 14.97
N ALA A 160 -6.52 -7.13 15.66
CA ALA A 160 -5.06 -7.21 15.72
C ALA A 160 -4.62 -8.56 16.24
N ALA A 161 -5.32 -9.08 17.24
CA ALA A 161 -4.98 -10.37 17.81
C ALA A 161 -5.25 -11.49 16.81
N ARG A 162 -6.38 -11.41 16.11
CA ARG A 162 -6.72 -12.41 15.11
C ARG A 162 -5.72 -12.37 13.96
N LEU A 163 -5.20 -11.19 13.67
CA LEU A 163 -4.23 -11.04 12.59
C LEU A 163 -2.91 -11.67 13.03
N GLU A 164 -2.54 -11.45 14.29
CA GLU A 164 -1.32 -12.02 14.85
C GLU A 164 -1.42 -13.53 14.77
N THR A 165 -2.60 -14.05 15.08
CA THR A 165 -2.83 -15.49 15.04
C THR A 165 -2.70 -16.03 13.60
N TRP A 166 -3.29 -15.31 12.64
CA TRP A 166 -3.23 -15.72 11.23
C TRP A 166 -1.77 -15.76 10.77
N ARG A 167 -1.02 -14.70 11.08
CA ARG A 167 0.39 -14.63 10.69
C ARG A 167 1.19 -15.76 11.34
N ALA A 168 0.89 -16.02 12.62
CA ALA A 168 1.58 -17.07 13.37
C ALA A 168 1.28 -18.45 12.79
N LEU A 169 0.04 -18.67 12.37
CA LEU A 169 -0.35 -19.94 11.79
C LEU A 169 0.33 -20.13 10.44
N GLN A 170 0.47 -19.04 9.69
CA GLN A 170 1.13 -19.13 8.38
C GLN A 170 2.56 -19.61 8.55
N THR A 171 3.30 -18.92 9.43
CA THR A 171 4.69 -19.24 9.71
C THR A 171 4.87 -20.65 10.26
N ALA A 172 4.04 -21.04 11.22
CA ALA A 172 4.13 -22.34 11.85
C ALA A 172 3.73 -23.49 10.93
N SER A 173 2.82 -23.22 9.99
CA SER A 173 2.33 -24.26 9.08
C SER A 173 3.19 -24.60 7.88
N VAL A 174 4.23 -23.80 7.63
CA VAL A 174 5.11 -24.09 6.50
C VAL A 174 5.88 -25.37 6.81
N PRO A 175 5.77 -26.38 5.93
CA PRO A 175 6.45 -27.67 6.11
C PRO A 175 7.96 -27.48 6.18
N ASN A 176 8.63 -28.44 6.80
CA ASN A 176 10.08 -28.38 6.92
C ASN A 176 10.75 -29.05 5.73
N SER A 177 10.03 -29.90 5.04
CA SER A 177 10.58 -30.61 3.90
C SER A 177 9.51 -30.84 2.83
N PRO A 178 9.91 -30.88 1.56
CA PRO A 178 8.95 -31.10 0.48
C PRO A 178 8.44 -32.54 0.43
N ILE A 179 7.23 -32.71 -0.09
CA ILE A 179 6.63 -34.03 -0.22
C ILE A 179 6.94 -34.55 -1.63
N SER B 21 6.00 13.47 20.98
CA SER B 21 6.83 13.49 19.74
C SER B 21 7.31 12.09 19.37
N ALA B 22 6.69 11.09 19.97
CA ALA B 22 7.05 9.70 19.72
C ALA B 22 6.73 9.38 18.25
N PRO B 23 7.65 8.71 17.55
CA PRO B 23 7.43 8.37 16.14
C PRO B 23 6.32 7.34 15.91
N VAL B 24 5.48 7.58 14.92
CA VAL B 24 4.40 6.65 14.60
C VAL B 24 4.68 6.04 13.23
N VAL B 25 5.61 6.65 12.50
CA VAL B 25 5.98 6.16 11.19
C VAL B 25 7.49 5.96 11.17
N GLY B 26 7.91 4.83 10.63
CA GLY B 26 9.35 4.57 10.55
C GLY B 26 9.76 4.52 9.09
N ILE B 27 10.72 5.36 8.70
CA ILE B 27 11.22 5.38 7.34
C ILE B 27 12.59 4.72 7.32
N ILE B 28 12.68 3.56 6.69
CA ILE B 28 13.96 2.87 6.61
C ILE B 28 14.37 2.76 5.16
N MET B 29 15.67 2.75 4.91
CA MET B 29 16.19 2.66 3.56
C MET B 29 17.47 1.83 3.58
N GLY B 30 17.78 1.19 2.46
CA GLY B 30 18.96 0.35 2.41
C GLY B 30 20.30 1.05 2.48
N SER B 31 20.37 2.31 2.06
CA SER B 31 21.66 3.01 2.08
C SER B 31 21.55 4.52 2.00
N GLN B 32 22.69 5.18 2.10
CA GLN B 32 22.73 6.64 2.01
C GLN B 32 22.31 7.01 0.58
N SER B 33 22.68 6.17 -0.38
CA SER B 33 22.32 6.40 -1.78
C SER B 33 20.82 6.48 -1.99
N ASP B 34 20.07 5.79 -1.14
CA ASP B 34 18.61 5.79 -1.24
C ASP B 34 17.96 7.04 -0.65
N TRP B 35 18.72 7.78 0.14
CA TRP B 35 18.22 8.99 0.79
C TRP B 35 17.71 10.06 -0.17
N GLU B 36 18.37 10.24 -1.30
CA GLU B 36 17.95 11.24 -2.27
C GLU B 36 16.49 10.98 -2.65
N THR B 37 16.11 9.70 -2.62
CA THR B 37 14.75 9.31 -2.94
C THR B 37 13.85 9.35 -1.71
N MET B 38 14.31 8.76 -0.62
CA MET B 38 13.51 8.70 0.59
C MET B 38 13.32 10.01 1.34
N ARG B 39 14.16 11.00 1.08
CA ARG B 39 14.03 12.29 1.77
C ARG B 39 12.67 12.92 1.45
N HIS B 40 12.10 12.56 0.30
CA HIS B 40 10.80 13.07 -0.13
C HIS B 40 9.69 12.55 0.78
N ALA B 41 9.87 11.35 1.31
CA ALA B 41 8.89 10.74 2.21
C ALA B 41 9.03 11.46 3.57
N ASP B 42 10.26 11.69 3.97
CA ASP B 42 10.55 12.36 5.23
C ASP B 42 9.95 13.78 5.23
N ALA B 43 10.20 14.51 4.15
CA ALA B 43 9.70 15.87 4.02
C ALA B 43 8.18 15.97 4.07
N LEU B 44 7.50 15.03 3.42
CA LEU B 44 6.04 15.05 3.40
C LEU B 44 5.45 14.75 4.77
N LEU B 45 6.03 13.80 5.50
CA LEU B 45 5.53 13.47 6.84
C LEU B 45 5.71 14.68 7.76
N THR B 46 6.87 15.31 7.67
CA THR B 46 7.16 16.49 8.49
C THR B 46 6.15 17.58 8.15
N GLU B 47 5.85 17.74 6.87
CA GLU B 47 4.90 18.74 6.41
C GLU B 47 3.51 18.50 7.02
N LEU B 48 3.12 17.24 7.10
CA LEU B 48 1.81 16.88 7.65
C LEU B 48 1.85 16.73 9.17
N GLU B 49 2.99 17.07 9.75
CA GLU B 49 3.17 17.01 11.19
C GLU B 49 3.01 15.61 11.78
N ILE B 50 3.59 14.63 11.09
CA ILE B 50 3.52 13.26 11.54
C ILE B 50 4.88 12.89 12.12
N PRO B 51 4.95 12.64 13.44
CA PRO B 51 6.20 12.27 14.12
C PRO B 51 6.75 10.99 13.51
N HIS B 52 8.02 10.99 13.14
CA HIS B 52 8.62 9.80 12.55
C HIS B 52 10.12 9.74 12.74
N GLU B 53 10.68 8.56 12.48
CA GLU B 53 12.11 8.34 12.58
C GLU B 53 12.62 7.92 11.21
N THR B 54 13.86 8.27 10.89
CA THR B 54 14.44 7.93 9.60
C THR B 54 15.77 7.22 9.81
N LEU B 55 15.85 5.97 9.36
CA LEU B 55 17.07 5.20 9.55
C LEU B 55 17.53 4.46 8.30
N ILE B 56 18.78 4.00 8.35
CA ILE B 56 19.35 3.22 7.26
C ILE B 56 19.48 1.79 7.78
N VAL B 57 18.85 0.87 7.07
CA VAL B 57 18.86 -0.55 7.41
C VAL B 57 18.87 -1.34 6.10
N SER B 58 19.82 -2.26 5.96
CA SER B 58 19.91 -3.08 4.75
C SER B 58 19.50 -4.51 5.07
N ALA B 59 18.60 -5.08 4.27
CA ALA B 59 18.17 -6.46 4.49
C ALA B 59 19.30 -7.39 4.10
N ASN B 60 19.95 -7.09 2.98
CA ASN B 60 21.04 -7.92 2.51
C ASN B 60 22.36 -7.73 3.24
N ARG B 61 22.64 -6.51 3.67
CA ARG B 61 23.91 -6.23 4.34
C ARG B 61 23.88 -6.11 5.87
N THR B 62 22.72 -5.82 6.45
CA THR B 62 22.57 -5.73 7.91
C THR B 62 21.27 -6.44 8.30
N PRO B 63 21.17 -7.75 7.96
CA PRO B 63 19.98 -8.54 8.25
C PRO B 63 19.58 -8.58 9.73
N ASP B 64 20.56 -8.72 10.62
CA ASP B 64 20.26 -8.75 12.05
C ASP B 64 19.75 -7.39 12.51
N ARG B 65 20.28 -6.32 11.95
CA ARG B 65 19.81 -4.99 12.30
C ARG B 65 18.34 -4.87 11.89
N LEU B 66 18.01 -5.41 10.72
CA LEU B 66 16.64 -5.36 10.22
C LEU B 66 15.72 -6.19 11.11
N ALA B 67 16.17 -7.40 11.47
CA ALA B 67 15.37 -8.26 12.32
C ALA B 67 15.02 -7.54 13.62
N ASP B 68 16.01 -6.94 14.26
CA ASP B 68 15.77 -6.22 15.51
C ASP B 68 14.79 -5.09 15.32
N TYR B 69 14.99 -4.30 14.26
CA TYR B 69 14.12 -3.16 13.97
C TYR B 69 12.67 -3.57 13.73
N ALA B 70 12.49 -4.53 12.83
CA ALA B 70 11.16 -5.01 12.46
C ALA B 70 10.40 -5.72 13.60
N ARG B 71 11.10 -6.51 14.40
CA ARG B 71 10.46 -7.22 15.50
C ARG B 71 9.94 -6.29 16.59
N THR B 72 10.70 -5.22 16.86
CA THR B 72 10.33 -4.28 17.91
C THR B 72 9.53 -3.06 17.45
N ALA B 73 9.30 -2.93 16.14
CA ALA B 73 8.55 -1.79 15.63
C ALA B 73 7.24 -1.54 16.36
N ALA B 74 6.38 -2.55 16.41
CA ALA B 74 5.09 -2.45 17.07
C ALA B 74 5.17 -2.04 18.54
N GLU B 75 6.06 -2.67 19.30
CA GLU B 75 6.18 -2.36 20.71
C GLU B 75 6.78 -0.98 20.94
N ARG B 76 7.49 -0.46 19.94
CA ARG B 76 8.10 0.86 20.07
C ARG B 76 7.11 1.97 19.71
N GLY B 77 5.87 1.57 19.40
CA GLY B 77 4.85 2.54 19.06
C GLY B 77 4.62 2.86 17.60
N LEU B 78 5.47 2.33 16.72
CA LEU B 78 5.31 2.59 15.29
C LEU B 78 4.00 1.99 14.79
N ASN B 79 3.38 2.67 13.83
CA ASN B 79 2.11 2.22 13.25
C ASN B 79 2.26 1.86 11.78
N VAL B 80 3.17 2.55 11.10
CA VAL B 80 3.41 2.30 9.67
C VAL B 80 4.92 2.38 9.37
N ILE B 81 5.39 1.46 8.53
CA ILE B 81 6.78 1.47 8.14
C ILE B 81 6.90 1.71 6.64
N ILE B 82 7.72 2.68 6.27
CA ILE B 82 7.95 3.00 4.87
C ILE B 82 9.37 2.54 4.61
N ALA B 83 9.53 1.59 3.68
CA ALA B 83 10.85 1.07 3.37
C ALA B 83 11.26 1.29 1.91
N GLY B 84 12.43 1.89 1.72
CA GLY B 84 12.93 2.16 0.39
C GLY B 84 14.15 1.31 0.08
N ALA B 85 14.22 0.76 -1.13
CA ALA B 85 15.35 -0.08 -1.52
C ALA B 85 15.44 -0.24 -3.03
N GLY B 86 16.65 -0.48 -3.52
CA GLY B 86 16.85 -0.65 -4.96
C GLY B 86 17.59 -1.93 -5.29
N GLY B 87 17.56 -2.31 -6.57
CA GLY B 87 18.24 -3.53 -7.01
C GLY B 87 17.46 -4.76 -6.57
N ALA B 88 18.14 -5.71 -5.95
CA ALA B 88 17.48 -6.91 -5.43
C ALA B 88 16.91 -6.41 -4.11
N ALA B 89 15.88 -5.58 -4.19
CA ALA B 89 15.26 -4.96 -3.02
C ALA B 89 14.49 -5.92 -2.12
N HIS B 90 15.10 -6.26 -0.98
CA HIS B 90 14.50 -7.19 -0.04
C HIS B 90 14.09 -6.56 1.29
N LEU B 91 14.53 -5.33 1.52
CA LEU B 91 14.24 -4.61 2.76
C LEU B 91 12.76 -4.53 3.12
N PRO B 92 11.90 -4.07 2.19
CA PRO B 92 10.47 -3.99 2.53
C PRO B 92 9.86 -5.35 2.88
N GLY B 93 10.11 -6.33 2.03
CA GLY B 93 9.56 -7.66 2.25
C GLY B 93 10.00 -8.35 3.52
N MET B 94 11.29 -8.24 3.84
CA MET B 94 11.81 -8.87 5.05
C MET B 94 11.31 -8.13 6.29
N CYS B 95 11.14 -6.82 6.18
CA CYS B 95 10.63 -6.04 7.30
C CYS B 95 9.21 -6.54 7.56
N ALA B 96 8.45 -6.71 6.48
CA ALA B 96 7.07 -7.19 6.58
C ALA B 96 7.01 -8.61 7.15
N ALA B 97 8.09 -9.37 6.94
CA ALA B 97 8.16 -10.73 7.42
C ALA B 97 8.21 -10.80 8.95
N TRP B 98 8.78 -9.78 9.57
CA TRP B 98 8.92 -9.70 11.01
C TRP B 98 7.93 -8.80 11.76
N THR B 99 7.13 -8.03 11.05
CA THR B 99 6.17 -7.16 11.73
C THR B 99 4.76 -7.37 11.21
N ARG B 100 3.77 -7.11 12.06
CA ARG B 100 2.37 -7.24 11.68
C ARG B 100 1.86 -5.90 11.18
N LEU B 101 2.67 -4.86 11.36
CA LEU B 101 2.32 -3.50 10.94
C LEU B 101 2.32 -3.39 9.42
N PRO B 102 1.53 -2.45 8.87
CA PRO B 102 1.52 -2.31 7.41
C PRO B 102 2.87 -1.79 6.96
N VAL B 103 3.45 -2.42 5.94
CA VAL B 103 4.73 -1.99 5.40
C VAL B 103 4.52 -1.51 3.97
N LEU B 104 4.97 -0.29 3.70
CA LEU B 104 4.86 0.30 2.38
C LEU B 104 6.25 0.29 1.76
N GLY B 105 6.33 -0.10 0.49
CA GLY B 105 7.64 -0.18 -0.14
C GLY B 105 7.85 0.80 -1.27
N VAL B 106 9.04 1.38 -1.32
CA VAL B 106 9.40 2.33 -2.36
C VAL B 106 10.58 1.80 -3.18
N PRO B 107 10.33 1.49 -4.46
CA PRO B 107 11.41 0.99 -5.33
C PRO B 107 12.33 2.14 -5.69
N VAL B 108 13.59 2.04 -5.30
CA VAL B 108 14.57 3.07 -5.62
C VAL B 108 15.07 2.78 -7.03
N GLU B 109 15.14 3.82 -7.86
CA GLU B 109 15.59 3.64 -9.24
C GLU B 109 17.01 3.09 -9.28
N SER B 110 17.23 2.08 -10.12
CA SER B 110 18.55 1.48 -10.28
C SER B 110 19.19 2.00 -11.56
N ARG B 111 20.51 1.99 -11.61
CA ARG B 111 21.25 2.48 -12.75
C ARG B 111 20.94 1.80 -14.10
N ALA B 112 21.27 0.52 -14.19
CA ALA B 112 21.06 -0.23 -15.42
C ALA B 112 19.60 -0.51 -15.75
N LEU B 113 18.92 -1.15 -14.81
CA LEU B 113 17.53 -1.55 -15.04
C LEU B 113 16.45 -0.53 -14.66
N LYS B 114 16.87 0.71 -14.42
CA LYS B 114 15.96 1.82 -14.13
C LYS B 114 14.89 1.56 -13.07
N GLY B 115 15.20 0.70 -12.11
CA GLY B 115 14.25 0.43 -11.05
C GLY B 115 13.29 -0.72 -11.30
N MET B 116 13.40 -1.40 -12.44
CA MET B 116 12.51 -2.53 -12.71
C MET B 116 12.87 -3.70 -11.81
N ASP B 117 14.16 -3.86 -11.52
CA ASP B 117 14.57 -4.93 -10.62
C ASP B 117 14.05 -4.57 -9.22
N SER B 118 14.16 -3.29 -8.86
CA SER B 118 13.68 -2.83 -7.56
C SER B 118 12.17 -3.07 -7.40
N LEU B 119 11.41 -2.71 -8.42
CA LEU B 119 9.95 -2.86 -8.41
C LEU B 119 9.49 -4.30 -8.24
N LEU B 120 9.99 -5.19 -9.09
CA LEU B 120 9.60 -6.59 -9.03
C LEU B 120 10.02 -7.28 -7.73
N SER B 121 11.19 -6.92 -7.23
CA SER B 121 11.69 -7.52 -5.99
C SER B 121 10.84 -7.13 -4.78
N ILE B 122 10.16 -5.98 -4.90
CA ILE B 122 9.31 -5.45 -3.82
C ILE B 122 7.84 -5.83 -3.93
N VAL B 123 7.26 -5.57 -5.09
CA VAL B 123 5.84 -5.80 -5.29
C VAL B 123 5.38 -7.26 -5.39
N GLN B 124 6.24 -8.14 -5.91
CA GLN B 124 5.86 -9.54 -6.10
C GLN B 124 5.96 -10.42 -4.86
N MET B 125 5.51 -9.89 -3.73
CA MET B 125 5.53 -10.62 -2.47
C MET B 125 4.58 -11.81 -2.49
N PRO B 126 4.97 -12.93 -1.86
CA PRO B 126 4.12 -14.12 -1.83
C PRO B 126 2.87 -13.87 -0.99
N GLY B 127 1.81 -14.62 -1.29
CA GLY B 127 0.57 -14.47 -0.54
C GLY B 127 0.86 -14.71 0.94
N GLY B 128 0.42 -13.78 1.78
CA GLY B 128 0.63 -13.92 3.21
C GLY B 128 1.57 -12.90 3.83
N VAL B 129 2.38 -12.24 3.00
CA VAL B 129 3.32 -11.22 3.50
C VAL B 129 3.20 -10.02 2.57
N PRO B 130 2.27 -9.12 2.87
CA PRO B 130 2.06 -7.92 2.05
C PRO B 130 3.05 -6.79 2.20
N VAL B 131 3.21 -6.06 1.10
CA VAL B 131 4.01 -4.85 1.04
C VAL B 131 3.28 -3.97 0.02
N GLY B 132 2.70 -2.88 0.51
CA GLY B 132 2.00 -1.95 -0.37
C GLY B 132 3.08 -1.18 -1.09
N THR B 133 3.19 -1.40 -2.40
CA THR B 133 4.24 -0.77 -3.22
C THR B 133 3.81 0.50 -3.94
N LEU B 134 4.73 1.46 -4.00
CA LEU B 134 4.48 2.74 -4.65
C LEU B 134 5.37 2.90 -5.88
N ALA B 135 5.19 3.98 -6.61
CA ALA B 135 5.95 4.23 -7.83
C ALA B 135 7.46 4.23 -7.65
N ILE B 136 8.17 3.97 -8.74
CA ILE B 136 9.64 3.97 -8.75
C ILE B 136 10.10 5.41 -8.51
N GLY B 137 11.07 5.60 -7.62
CA GLY B 137 11.59 6.93 -7.39
C GLY B 137 10.91 7.86 -6.40
N ALA B 138 11.28 9.14 -6.49
CA ALA B 138 10.78 10.19 -5.62
C ALA B 138 9.26 10.22 -5.49
N SER B 139 8.55 10.09 -6.60
CA SER B 139 7.09 10.09 -6.56
C SER B 139 6.59 8.97 -5.65
N GLY B 140 7.30 7.85 -5.67
CA GLY B 140 6.90 6.72 -4.83
C GLY B 140 7.11 7.04 -3.36
N ALA B 141 8.23 7.69 -3.05
CA ALA B 141 8.56 8.04 -1.67
C ALA B 141 7.49 8.97 -1.14
N LYS B 142 7.15 9.99 -1.94
CA LYS B 142 6.13 10.95 -1.55
C LYS B 142 4.79 10.27 -1.32
N ASN B 143 4.42 9.35 -2.21
CA ASN B 143 3.15 8.65 -2.06
C ASN B 143 3.12 7.68 -0.91
N ALA B 144 4.29 7.15 -0.55
CA ALA B 144 4.36 6.22 0.57
C ALA B 144 4.03 7.00 1.85
N ALA B 145 4.50 8.24 1.92
CA ALA B 145 4.25 9.08 3.08
C ALA B 145 2.78 9.50 3.10
N LEU B 146 2.24 9.80 1.92
CA LEU B 146 0.84 10.20 1.83
C LEU B 146 -0.07 9.02 2.16
N LEU B 147 0.36 7.82 1.78
CA LEU B 147 -0.43 6.62 2.06
C LEU B 147 -0.42 6.35 3.56
N ALA B 148 0.75 6.51 4.19
CA ALA B 148 0.88 6.30 5.61
C ALA B 148 0.03 7.35 6.33
N ALA B 149 -0.01 8.55 5.77
CA ALA B 149 -0.80 9.63 6.36
C ALA B 149 -2.29 9.26 6.33
N SER B 150 -2.77 8.77 5.18
CA SER B 150 -4.17 8.39 5.05
C SER B 150 -4.52 7.24 6.00
N ILE B 151 -3.54 6.40 6.30
CA ILE B 151 -3.75 5.28 7.22
C ILE B 151 -3.92 5.86 8.63
N LEU B 152 -2.99 6.73 9.01
CA LEU B 152 -3.02 7.37 10.32
C LEU B 152 -4.25 8.26 10.47
N ALA B 153 -4.69 8.89 9.38
CA ALA B 153 -5.85 9.77 9.40
C ALA B 153 -7.15 9.04 9.74
N LEU B 154 -7.16 7.73 9.56
CA LEU B 154 -8.36 6.94 9.86
C LEU B 154 -8.77 7.11 11.32
N TYR B 155 -7.78 7.30 12.20
CA TYR B 155 -8.06 7.47 13.61
C TYR B 155 -7.41 8.72 14.21
N ASN B 156 -7.23 9.76 13.39
CA ASN B 156 -6.64 11.02 13.83
C ASN B 156 -7.33 12.14 13.06
N PRO B 157 -8.43 12.69 13.62
CA PRO B 157 -9.19 13.78 13.01
C PRO B 157 -8.35 14.98 12.61
N ALA B 158 -7.45 15.41 13.50
CA ALA B 158 -6.59 16.55 13.22
C ALA B 158 -5.78 16.30 11.95
N LEU B 159 -5.13 15.15 11.87
CA LEU B 159 -4.31 14.81 10.70
C LEU B 159 -5.20 14.68 9.47
N ALA B 160 -6.37 14.10 9.64
CA ALA B 160 -7.31 13.93 8.54
C ALA B 160 -7.64 15.28 7.91
N ALA B 161 -7.87 16.29 8.74
CA ALA B 161 -8.17 17.62 8.24
C ALA B 161 -6.95 18.16 7.48
N ARG B 162 -5.78 17.98 8.06
CA ARG B 162 -4.55 18.44 7.43
C ARG B 162 -4.34 17.73 6.09
N LEU B 163 -4.61 16.43 6.06
CA LEU B 163 -4.44 15.65 4.83
C LEU B 163 -5.44 16.15 3.79
N GLU B 164 -6.69 16.34 4.20
CA GLU B 164 -7.73 16.84 3.30
C GLU B 164 -7.31 18.17 2.68
N THR B 165 -6.87 19.10 3.53
CA THR B 165 -6.42 20.41 3.07
C THR B 165 -5.28 20.27 2.07
N TRP B 166 -4.35 19.37 2.38
CA TRP B 166 -3.20 19.14 1.51
C TRP B 166 -3.67 18.65 0.13
N ARG B 167 -4.54 17.64 0.12
CA ARG B 167 -5.04 17.10 -1.14
C ARG B 167 -5.79 18.16 -1.93
N ALA B 168 -6.69 18.87 -1.24
CA ALA B 168 -7.49 19.91 -1.88
C ALA B 168 -6.62 20.98 -2.51
N LEU B 169 -5.55 21.36 -1.83
CA LEU B 169 -4.65 22.37 -2.35
C LEU B 169 -3.95 21.89 -3.61
N GLN B 170 -3.53 20.63 -3.59
CA GLN B 170 -2.85 20.05 -4.75
C GLN B 170 -3.72 20.17 -6.00
N THR B 171 -4.98 19.77 -5.87
CA THR B 171 -5.93 19.82 -6.99
C THR B 171 -6.18 21.24 -7.49
N ALA B 172 -6.39 22.18 -6.57
CA ALA B 172 -6.66 23.57 -6.94
C ALA B 172 -5.43 24.26 -7.50
N SER B 173 -4.25 23.70 -7.22
CA SER B 173 -2.99 24.28 -7.67
C SER B 173 -2.59 23.87 -9.09
N VAL B 174 -3.29 22.90 -9.67
CA VAL B 174 -2.97 22.45 -11.02
C VAL B 174 -3.37 23.55 -12.01
N PRO B 175 -2.43 23.99 -12.85
CA PRO B 175 -2.70 25.03 -13.85
C PRO B 175 -3.74 24.58 -14.87
N ASN B 176 -4.43 25.54 -15.47
CA ASN B 176 -5.47 25.23 -16.45
C ASN B 176 -4.98 25.23 -17.89
N SER B 177 -3.89 25.95 -18.16
CA SER B 177 -3.34 26.00 -19.52
C SER B 177 -1.82 26.00 -19.45
N PRO B 178 -1.16 25.47 -20.49
CA PRO B 178 0.30 25.40 -20.55
C PRO B 178 1.01 26.71 -20.85
N ILE B 179 2.21 26.85 -20.28
CA ILE B 179 3.05 28.02 -20.49
C ILE B 179 4.00 27.70 -21.64
N THR B 180 4.01 28.57 -22.65
CA THR B 180 4.89 28.34 -23.80
C THR B 180 6.16 29.16 -23.63
N GLU B 181 7.21 28.50 -23.12
CA GLU B 181 8.50 29.14 -22.87
C GLU B 181 8.72 30.47 -23.58
O6' ICR C . -13.67 -7.44 -21.08
P ICR C . -13.81 -7.96 -19.55
O7' ICR C . -15.21 -7.39 -19.02
O8' ICR C . -13.71 -9.44 -19.43
O5' ICR C . -12.68 -7.18 -18.72
C5' ICR C . -11.29 -7.37 -19.01
C4' ICR C . -10.44 -6.47 -18.11
O4' ICR C . -10.91 -5.12 -18.21
C3' ICR C . -10.62 -6.88 -16.64
O3' ICR C . -9.34 -7.20 -16.08
C2' ICR C . -11.15 -5.61 -15.99
O2' ICR C . -10.55 -5.43 -14.70
C1' ICR C . -10.58 -4.55 -16.93
N1 ICR C . -11.24 -3.25 -16.72
C2 ICR C . -12.47 -3.05 -16.23
N3 ICR C . -12.90 -1.82 -16.49
C4 ICR C . -11.72 -0.96 -16.62
C7 ICR C . -11.37 -0.33 -15.27
O9 ICR C . -10.22 0.12 -15.13
O8 ICR C . -12.28 -0.29 -14.41
C5 ICR C . -10.71 -2.06 -16.97
N6 ICR C . -9.48 -1.85 -17.45
C1 CIT D . 17.92 -3.84 0.59
O1 CIT D . 18.43 -3.71 1.73
O2 CIT D . 16.98 -4.63 0.35
C2 CIT D . 18.45 -2.97 -0.54
C3 CIT D . 19.95 -2.65 -0.39
O7 CIT D . 20.17 -2.02 0.87
C4 CIT D . 20.37 -1.71 -1.53
C5 CIT D . 19.93 -0.28 -1.30
O3 CIT D . 20.80 0.56 -1.00
O4 CIT D . 18.72 0.01 -1.41
C6 CIT D . 20.78 -3.93 -0.46
O5 CIT D . 20.68 -4.64 -1.47
O6 CIT D . 21.53 -4.18 0.51
#